data_5MEH
#
_entry.id   5MEH
#
_cell.length_a   145.371
_cell.length_b   145.371
_cell.length_c   50.838
_cell.angle_alpha   90.00
_cell.angle_beta   90.00
_cell.angle_gamma   120.00
#
_symmetry.space_group_name_H-M   'H 3'
#
loop_
_entity.id
_entity.type
_entity.pdbx_description
1 polymer 'Mannosyl-oligosaccharide 1,2-alpha-mannosidase'
2 non-polymer GLYCEROL
3 non-polymer 'CALCIUM ION'
4 non-polymer 'SODIUM ION'
5 non-polymer 1-DEOXYMANNOJIRIMYCIN
6 non-polymer 'ACETATE ION'
7 water water
#
_entity_poly.entity_id   1
_entity_poly.type   'polypeptide(L)'
_entity_poly.pdbx_seq_one_letter_code
;MASETTPEDWKALAADVRSEFQWAWQGYVAKAWGKDEINPVSGTSRSFFIEGHDLGLSLVEALDTLWIMGLDAEFQAGVD
WVKANLSFDVDGNAQVFETNIRLVGGLLSAHLASGDPVLLAKARDLADRLAKAFEASPHGLPWRYVNLRTGAVSDPETNL
AEIGTYLSEFGVLSQLTGERKYFDMAKRAMRHTLDRRSKIGLMAANIHAMTGAFTSRNASIDVYADSFYEYLWDAWALFG
DEDCKRWAVECVDAQLAHQAKRYDGRLWFPMVDFETGAVTGTAQSELAAYYAGLLGQVGRKAQGDDYLASFTYLQATFGV
IPESIDVTTGQPRRKHTGLRPEYPDACLNLWLIDRDPRYRRLAAIHYREMKATSRAAFGYTALKDITTRPMTQDDNCPGY
WWSEQMKYYYLLFSDTPRIDYGQLQLSTEANVLRGFRKVLEHHHHHH
;
_entity_poly.pdbx_strand_id   A
#
# COMPACT_ATOMS: atom_id res chain seq x y z
N ALA A 2 -6.32 24.15 -34.49
CA ALA A 2 -7.84 24.19 -34.64
C ALA A 2 -8.56 23.00 -33.96
N SER A 3 -8.55 21.83 -34.60
CA SER A 3 -9.08 20.59 -34.02
C SER A 3 -8.34 20.04 -32.78
N GLU A 4 -9.10 19.25 -31.99
CA GLU A 4 -8.51 18.63 -30.77
C GLU A 4 -7.49 17.57 -31.13
N THR A 5 -6.43 17.44 -30.26
CA THR A 5 -5.58 16.21 -30.43
C THR A 5 -6.50 14.94 -30.23
N THR A 6 -6.38 13.87 -31.04
CA THR A 6 -7.23 12.63 -30.97
C THR A 6 -7.50 12.15 -29.51
N PRO A 7 -8.78 11.99 -29.01
CA PRO A 7 -9.09 11.60 -27.61
C PRO A 7 -8.53 10.21 -27.31
N GLU A 8 -8.08 10.03 -26.06
CA GLU A 8 -7.63 8.71 -25.63
C GLU A 8 -8.70 7.68 -25.76
N ASP A 9 -8.38 6.50 -26.30
CA ASP A 9 -9.27 5.33 -26.29
C ASP A 9 -9.00 4.56 -24.99
N TRP A 10 -9.77 4.86 -23.92
CA TRP A 10 -9.47 4.26 -22.60
C TRP A 10 -9.61 2.71 -22.60
N LYS A 11 -10.56 2.16 -23.38
CA LYS A 11 -10.73 0.71 -23.41
CA LYS A 11 -10.73 0.72 -23.41
C LYS A 11 -9.51 0.02 -24.06
N ALA A 12 -8.98 0.64 -25.13
CA ALA A 12 -7.76 0.13 -25.75
C ALA A 12 -6.57 0.20 -24.76
N LEU A 13 -6.45 1.30 -23.99
CA LEU A 13 -5.32 1.42 -23.02
C LEU A 13 -5.49 0.35 -21.90
N ALA A 14 -6.71 0.10 -21.44
CA ALA A 14 -6.94 -0.98 -20.45
C ALA A 14 -6.50 -2.34 -21.02
N ALA A 15 -6.83 -2.61 -22.32
CA ALA A 15 -6.43 -3.89 -22.93
C ALA A 15 -4.91 -4.02 -22.96
N ASP A 16 -4.19 -2.89 -23.19
CA ASP A 16 -2.72 -2.89 -23.17
C ASP A 16 -2.16 -3.21 -21.76
N VAL A 17 -2.75 -2.59 -20.71
CA VAL A 17 -2.34 -2.90 -19.32
C VAL A 17 -2.52 -4.43 -19.05
N ARG A 18 -3.67 -4.98 -19.44
CA ARG A 18 -3.94 -6.42 -19.23
C ARG A 18 -2.91 -7.29 -19.97
N SER A 19 -2.61 -6.94 -21.25
CA SER A 19 -1.63 -7.65 -22.06
CA SER A 19 -1.62 -7.69 -22.02
CA SER A 19 -1.64 -7.74 -21.99
C SER A 19 -0.24 -7.68 -21.38
N GLU A 20 0.18 -6.48 -20.90
CA GLU A 20 1.48 -6.37 -20.19
C GLU A 20 1.50 -7.17 -18.89
N PHE A 21 0.37 -7.15 -18.14
CA PHE A 21 0.31 -7.92 -16.88
C PHE A 21 0.41 -9.45 -17.14
N GLN A 22 -0.33 -9.92 -18.18
CA GLN A 22 -0.26 -11.35 -18.54
C GLN A 22 1.17 -11.73 -18.97
N TRP A 23 1.83 -10.87 -19.77
CA TRP A 23 3.22 -11.12 -20.19
C TRP A 23 4.16 -11.19 -18.97
N ALA A 24 4.00 -10.25 -18.00
CA ALA A 24 4.82 -10.29 -16.79
C ALA A 24 4.55 -11.59 -16.00
N TRP A 25 3.28 -11.99 -15.86
CA TRP A 25 2.90 -13.26 -15.16
C TRP A 25 3.64 -14.46 -15.83
N GLN A 26 3.66 -14.49 -17.18
CA GLN A 26 4.36 -15.59 -17.86
C GLN A 26 5.85 -15.62 -17.48
N GLY A 27 6.49 -14.44 -17.31
CA GLY A 27 7.89 -14.39 -16.86
C GLY A 27 8.05 -14.95 -15.43
N TYR A 28 7.12 -14.58 -14.52
CA TYR A 28 7.12 -15.15 -13.16
C TYR A 28 6.99 -16.69 -13.16
N VAL A 29 6.05 -17.20 -13.95
CA VAL A 29 5.87 -18.66 -14.06
C VAL A 29 7.17 -19.34 -14.56
N ALA A 30 7.81 -18.73 -15.57
CA ALA A 30 9.02 -19.35 -16.17
C ALA A 30 10.23 -19.29 -15.27
N LYS A 31 10.41 -18.23 -14.46
CA LYS A 31 11.67 -17.98 -13.76
C LYS A 31 11.59 -18.05 -12.23
N ALA A 32 10.39 -17.88 -11.64
CA ALA A 32 10.26 -17.64 -10.19
C ALA A 32 9.02 -18.35 -9.62
N TRP A 33 8.60 -19.48 -10.19
CA TRP A 33 7.30 -20.07 -9.79
C TRP A 33 7.35 -20.53 -8.31
N GLY A 34 6.39 -20.03 -7.49
CA GLY A 34 6.34 -20.33 -6.07
C GLY A 34 7.29 -19.52 -5.19
N LYS A 35 8.11 -18.66 -5.81
CA LYS A 35 9.12 -17.88 -5.09
C LYS A 35 8.54 -16.48 -4.75
N ASP A 36 9.23 -15.77 -3.82
CA ASP A 36 8.63 -14.51 -3.35
C ASP A 36 8.66 -13.38 -4.40
N GLU A 37 9.83 -13.13 -5.02
CA GLU A 37 9.92 -12.04 -6.03
C GLU A 37 10.76 -12.52 -7.22
N ILE A 38 10.40 -12.04 -8.43
CA ILE A 38 11.26 -12.20 -9.61
C ILE A 38 12.24 -10.99 -9.68
N ASN A 39 13.47 -11.30 -10.15
CA ASN A 39 14.51 -10.34 -10.57
C ASN A 39 14.51 -10.42 -12.10
N PRO A 40 13.79 -9.50 -12.80
CA PRO A 40 13.42 -9.75 -14.21
C PRO A 40 14.48 -9.35 -15.24
N VAL A 41 15.63 -8.80 -14.79
CA VAL A 41 16.78 -8.51 -15.69
C VAL A 41 17.65 -9.79 -15.79
N SER A 42 18.01 -10.38 -14.61
CA SER A 42 18.76 -11.67 -14.61
C SER A 42 17.86 -12.88 -14.91
N GLY A 43 16.54 -12.77 -14.69
CA GLY A 43 15.66 -13.95 -14.81
C GLY A 43 15.85 -14.97 -13.67
N THR A 44 15.94 -14.44 -12.43
CA THR A 44 16.13 -15.26 -11.24
C THR A 44 15.08 -14.85 -10.17
N SER A 45 15.15 -15.44 -8.96
CA SER A 45 14.23 -15.11 -7.87
C SER A 45 14.95 -14.72 -6.62
N ARG A 46 14.20 -14.14 -5.66
CA ARG A 46 14.69 -13.91 -4.30
CA ARG A 46 14.72 -13.87 -4.29
C ARG A 46 13.59 -14.25 -3.22
N SER A 47 14.00 -14.42 -2.04
CA SER A 47 13.10 -14.48 -0.87
CA SER A 47 13.04 -14.45 -0.93
C SER A 47 12.78 -13.04 -0.37
N PHE A 48 11.64 -12.91 0.31
CA PHE A 48 11.23 -11.64 0.95
C PHE A 48 11.16 -11.79 2.48
N PHE A 49 10.33 -12.71 3.01
CA PHE A 49 10.11 -12.75 4.44
C PHE A 49 11.22 -13.47 5.20
N ILE A 50 11.57 -14.69 4.74
CA ILE A 50 12.50 -15.62 5.42
C ILE A 50 13.47 -16.17 4.37
N GLU A 51 14.78 -15.84 4.48
CA GLU A 51 15.76 -16.29 3.50
C GLU A 51 15.74 -17.82 3.40
N GLY A 52 15.62 -18.34 2.16
CA GLY A 52 15.59 -19.75 1.94
C GLY A 52 14.25 -20.47 2.20
N HIS A 53 13.21 -19.71 2.60
CA HIS A 53 11.89 -20.33 2.79
C HIS A 53 10.81 -19.38 2.20
N ASP A 54 10.72 -19.41 0.88
CA ASP A 54 9.76 -18.54 0.17
C ASP A 54 8.31 -18.96 0.51
N LEU A 55 7.39 -17.99 0.39
CA LEU A 55 5.96 -18.15 0.70
C LEU A 55 5.10 -17.73 -0.53
N GLY A 56 5.66 -17.81 -1.76
CA GLY A 56 4.86 -17.48 -2.92
C GLY A 56 4.36 -16.02 -2.94
N LEU A 57 5.14 -15.07 -2.36
CA LEU A 57 4.60 -13.72 -2.14
C LEU A 57 3.98 -13.11 -3.41
N SER A 58 4.74 -12.99 -4.51
CA SER A 58 4.21 -12.23 -5.67
C SER A 58 2.99 -12.92 -6.30
N LEU A 59 3.00 -14.28 -6.27
CA LEU A 59 1.83 -15.06 -6.72
C LEU A 59 0.57 -14.66 -5.93
N VAL A 60 0.70 -14.65 -4.57
CA VAL A 60 -0.44 -14.27 -3.71
C VAL A 60 -0.87 -12.82 -3.99
N GLU A 61 0.10 -11.89 -4.08
CA GLU A 61 -0.21 -10.47 -4.32
C GLU A 61 -0.99 -10.26 -5.62
N ALA A 62 -0.66 -11.06 -6.67
CA ALA A 62 -1.24 -10.92 -8.02
C ALA A 62 -2.69 -11.40 -8.12
N LEU A 63 -3.16 -12.27 -7.16
CA LEU A 63 -4.40 -13.03 -7.43
C LEU A 63 -5.61 -12.13 -7.72
N ASP A 64 -5.92 -11.14 -6.83
CA ASP A 64 -7.13 -10.35 -7.11
C ASP A 64 -7.00 -9.53 -8.40
N THR A 65 -5.78 -9.03 -8.72
CA THR A 65 -5.55 -8.31 -9.99
C THR A 65 -5.92 -9.21 -11.22
N LEU A 66 -5.39 -10.47 -11.18
CA LEU A 66 -5.69 -11.43 -12.28
C LEU A 66 -7.21 -11.61 -12.47
N TRP A 67 -7.93 -11.82 -11.34
CA TRP A 67 -9.40 -12.02 -11.43
C TRP A 67 -10.09 -10.77 -12.02
N ILE A 68 -9.73 -9.56 -11.51
CA ILE A 68 -10.39 -8.34 -11.99
C ILE A 68 -10.20 -8.17 -13.50
N MET A 69 -9.00 -8.53 -14.02
CA MET A 69 -8.69 -8.44 -15.45
C MET A 69 -9.31 -9.53 -16.31
N GLY A 70 -10.01 -10.53 -15.70
CA GLY A 70 -10.51 -11.64 -16.51
C GLY A 70 -9.42 -12.58 -17.01
N LEU A 71 -8.27 -12.63 -16.32
CA LEU A 71 -7.20 -13.61 -16.61
C LEU A 71 -7.47 -14.86 -15.75
N ASP A 72 -8.58 -15.57 -16.13
CA ASP A 72 -9.16 -16.60 -15.23
C ASP A 72 -8.30 -17.86 -15.14
N ALA A 73 -7.70 -18.32 -16.27
CA ALA A 73 -6.84 -19.51 -16.19
C ALA A 73 -5.65 -19.23 -15.28
N GLU A 74 -5.05 -18.02 -15.42
CA GLU A 74 -3.89 -17.64 -14.60
C GLU A 74 -4.27 -17.54 -13.11
N PHE A 75 -5.41 -16.87 -12.83
CA PHE A 75 -5.94 -16.80 -11.45
C PHE A 75 -6.07 -18.21 -10.83
N GLN A 76 -6.73 -19.14 -11.59
CA GLN A 76 -6.97 -20.48 -11.03
C GLN A 76 -5.65 -21.23 -10.83
N ALA A 77 -4.66 -21.06 -11.72
CA ALA A 77 -3.34 -21.70 -11.52
C ALA A 77 -2.70 -21.21 -10.21
N GLY A 78 -2.81 -19.89 -9.94
CA GLY A 78 -2.26 -19.36 -8.65
C GLY A 78 -3.04 -19.88 -7.42
N VAL A 79 -4.39 -19.84 -7.48
CA VAL A 79 -5.20 -20.37 -6.36
C VAL A 79 -4.85 -21.85 -6.09
N ASP A 80 -4.73 -22.64 -7.18
CA ASP A 80 -4.44 -24.08 -7.00
C ASP A 80 -3.06 -24.30 -6.39
N TRP A 81 -2.05 -23.46 -6.77
CA TRP A 81 -0.73 -23.55 -6.12
C TRP A 81 -0.86 -23.27 -4.60
N VAL A 82 -1.60 -22.21 -4.23
CA VAL A 82 -1.78 -21.88 -2.80
C VAL A 82 -2.39 -23.09 -2.04
N LYS A 83 -3.48 -23.63 -2.62
CA LYS A 83 -4.17 -24.73 -1.89
CA LYS A 83 -4.22 -24.74 -1.95
C LYS A 83 -3.30 -25.97 -1.74
N ALA A 84 -2.43 -26.28 -2.71
CA ALA A 84 -1.57 -27.47 -2.61
C ALA A 84 -0.34 -27.25 -1.71
N ASN A 85 0.19 -26.00 -1.66
CA ASN A 85 1.57 -25.78 -1.18
C ASN A 85 1.76 -24.81 0.01
N LEU A 86 0.85 -23.83 0.20
CA LEU A 86 1.19 -22.70 1.10
C LEU A 86 0.90 -23.04 2.56
N SER A 87 1.92 -23.28 3.35
CA SER A 87 1.90 -23.52 4.78
C SER A 87 2.62 -22.42 5.52
N PHE A 88 2.08 -22.04 6.69
CA PHE A 88 2.72 -21.03 7.55
C PHE A 88 3.31 -21.65 8.83
N ASP A 89 3.38 -23.00 8.89
CA ASP A 89 4.02 -23.67 10.04
C ASP A 89 5.51 -23.74 9.79
N VAL A 90 6.19 -22.57 9.99
CA VAL A 90 7.59 -22.32 9.60
C VAL A 90 8.41 -21.76 10.80
N ASP A 91 9.56 -22.41 11.12
CA ASP A 91 10.41 -21.99 12.21
C ASP A 91 11.33 -20.87 11.71
N GLY A 92 10.73 -19.66 11.60
CA GLY A 92 11.47 -18.46 11.16
C GLY A 92 10.69 -17.20 11.48
N ASN A 93 11.40 -16.07 11.51
CA ASN A 93 10.81 -14.78 11.92
C ASN A 93 10.23 -14.05 10.71
N ALA A 94 8.97 -13.60 10.85
CA ALA A 94 8.26 -12.82 9.83
C ALA A 94 7.93 -11.43 10.39
N GLN A 95 8.10 -10.39 9.55
CA GLN A 95 7.73 -9.01 9.95
C GLN A 95 6.21 -8.89 9.94
N VAL A 96 5.61 -8.61 11.12
CA VAL A 96 4.14 -8.66 11.32
C VAL A 96 3.38 -7.75 10.34
N PHE A 97 3.86 -6.50 10.20
CA PHE A 97 3.20 -5.51 9.32
C PHE A 97 3.12 -6.00 7.86
N GLU A 98 4.31 -6.39 7.32
CA GLU A 98 4.37 -6.79 5.90
C GLU A 98 3.55 -8.08 5.65
N THR A 99 3.63 -9.01 6.64
CA THR A 99 2.92 -10.31 6.50
C THR A 99 1.40 -10.06 6.46
N ASN A 100 0.87 -9.16 7.33
CA ASN A 100 -0.57 -8.86 7.30
C ASN A 100 -0.97 -8.20 5.97
N ILE A 101 -0.31 -7.08 5.57
CA ILE A 101 -0.86 -6.32 4.45
C ILE A 101 -0.71 -7.10 3.12
N ARG A 102 0.35 -7.93 3.02
CA ARG A 102 0.63 -8.65 1.75
C ARG A 102 -0.06 -10.03 1.69
N LEU A 103 0.15 -10.88 2.74
CA LEU A 103 -0.33 -12.27 2.70
C LEU A 103 -1.74 -12.42 3.28
N VAL A 104 -2.02 -11.89 4.50
CA VAL A 104 -3.42 -11.97 5.00
C VAL A 104 -4.36 -11.25 4.01
N GLY A 105 -3.98 -10.00 3.64
CA GLY A 105 -4.83 -9.23 2.73
C GLY A 105 -4.96 -9.85 1.33
N GLY A 106 -3.84 -10.43 0.81
CA GLY A 106 -3.89 -11.03 -0.55
C GLY A 106 -4.75 -12.29 -0.62
N LEU A 107 -4.68 -13.10 0.48
CA LEU A 107 -5.58 -14.28 0.59
C LEU A 107 -7.05 -13.87 0.76
N LEU A 108 -7.32 -12.79 1.54
CA LEU A 108 -8.70 -12.32 1.71
C LEU A 108 -9.31 -11.84 0.41
N SER A 109 -8.58 -11.01 -0.39
CA SER A 109 -9.16 -10.53 -1.66
C SER A 109 -9.40 -11.71 -2.62
N ALA A 110 -8.45 -12.67 -2.67
CA ALA A 110 -8.65 -13.86 -3.54
C ALA A 110 -9.86 -14.69 -3.07
N HIS A 111 -10.05 -14.81 -1.75
CA HIS A 111 -11.24 -15.49 -1.19
C HIS A 111 -12.54 -14.79 -1.59
N LEU A 112 -12.56 -13.44 -1.47
CA LEU A 112 -13.79 -12.70 -1.81
C LEU A 112 -14.13 -12.81 -3.31
N ALA A 113 -13.10 -12.85 -4.18
CA ALA A 113 -13.35 -12.98 -5.62
C ALA A 113 -13.93 -14.34 -6.00
N SER A 114 -13.38 -15.40 -5.38
CA SER A 114 -13.65 -16.79 -5.79
C SER A 114 -14.70 -17.52 -4.97
N GLY A 115 -14.86 -17.11 -3.71
CA GLY A 115 -15.64 -17.85 -2.72
C GLY A 115 -14.96 -19.09 -2.14
N ASP A 116 -13.68 -19.35 -2.45
CA ASP A 116 -13.07 -20.65 -2.05
C ASP A 116 -12.76 -20.66 -0.55
N PRO A 117 -13.38 -21.56 0.26
CA PRO A 117 -13.16 -21.59 1.73
CA PRO A 117 -13.14 -21.50 1.72
C PRO A 117 -11.70 -21.77 2.14
N VAL A 118 -10.91 -22.51 1.33
CA VAL A 118 -9.52 -22.78 1.76
C VAL A 118 -8.70 -21.50 1.88
N LEU A 119 -9.00 -20.51 0.98
CA LEU A 119 -8.24 -19.23 1.04
C LEU A 119 -8.53 -18.47 2.35
N LEU A 120 -9.82 -18.50 2.82
CA LEU A 120 -10.17 -17.92 4.12
C LEU A 120 -9.52 -18.70 5.29
N ALA A 121 -9.52 -20.05 5.23
CA ALA A 121 -8.88 -20.86 6.27
C ALA A 121 -7.40 -20.45 6.42
N LYS A 122 -6.69 -20.28 5.28
CA LYS A 122 -5.26 -19.94 5.32
C LYS A 122 -5.03 -18.48 5.84
N ALA A 123 -5.91 -17.53 5.43
CA ALA A 123 -5.80 -16.16 5.97
C ALA A 123 -5.97 -16.17 7.50
N ARG A 124 -6.95 -16.95 7.99
CA ARG A 124 -7.22 -16.98 9.42
C ARG A 124 -6.09 -17.68 10.21
N ASP A 125 -5.55 -18.79 9.67
CA ASP A 125 -4.40 -19.47 10.28
C ASP A 125 -3.23 -18.49 10.47
N LEU A 126 -2.96 -17.70 9.38
CA LEU A 126 -1.87 -16.73 9.46
C LEU A 126 -2.14 -15.62 10.48
N ALA A 127 -3.38 -15.07 10.48
CA ALA A 127 -3.72 -14.04 11.48
C ALA A 127 -3.55 -14.56 12.92
N ASP A 128 -3.90 -15.84 13.19
CA ASP A 128 -3.70 -16.39 14.54
C ASP A 128 -2.21 -16.48 14.91
N ARG A 129 -1.33 -16.71 13.94
CA ARG A 129 0.12 -16.70 14.23
C ARG A 129 0.61 -15.27 14.52
N LEU A 130 0.08 -14.27 13.76
CA LEU A 130 0.42 -12.86 14.01
C LEU A 130 -0.14 -12.36 15.35
N ALA A 131 -1.28 -12.91 15.81
CA ALA A 131 -1.90 -12.43 17.06
C ALA A 131 -0.94 -12.58 18.25
N LYS A 132 -0.02 -13.58 18.21
CA LYS A 132 0.92 -13.77 19.28
CA LYS A 132 0.98 -13.77 19.29
C LYS A 132 1.81 -12.50 19.52
N ALA A 133 2.07 -11.72 18.44
CA ALA A 133 2.88 -10.48 18.58
C ALA A 133 2.14 -9.41 19.40
N PHE A 134 0.81 -9.35 19.26
CA PHE A 134 -0.04 -8.42 20.05
C PHE A 134 -0.17 -8.87 21.51
N GLU A 135 -0.33 -10.20 21.70
CA GLU A 135 -0.48 -10.78 23.05
C GLU A 135 0.77 -10.63 23.91
N ALA A 136 1.96 -10.48 23.28
CA ALA A 136 3.24 -10.35 23.96
C ALA A 136 3.47 -8.91 24.53
N SER A 137 2.51 -7.97 24.31
CA SER A 137 2.58 -6.61 24.86
C SER A 137 1.46 -6.41 25.86
N PRO A 138 1.74 -5.84 27.06
CA PRO A 138 0.67 -5.58 28.01
C PRO A 138 -0.32 -4.49 27.51
N HIS A 139 0.09 -3.71 26.48
CA HIS A 139 -0.73 -2.65 25.87
C HIS A 139 -1.48 -3.13 24.60
N GLY A 140 -1.19 -4.38 24.17
CA GLY A 140 -1.72 -4.86 22.88
C GLY A 140 -1.08 -4.20 21.63
N LEU A 141 0.12 -3.60 21.81
CA LEU A 141 0.89 -3.04 20.67
C LEU A 141 1.78 -4.16 20.11
N PRO A 142 1.64 -4.52 18.81
CA PRO A 142 2.41 -5.68 18.32
C PRO A 142 3.92 -5.44 18.29
N TRP A 143 4.69 -6.44 18.72
CA TRP A 143 6.14 -6.50 18.40
C TRP A 143 6.31 -6.58 16.87
N ARG A 144 7.49 -6.15 16.36
CA ARG A 144 7.66 -6.05 14.90
C ARG A 144 7.80 -7.40 14.20
N TYR A 145 8.42 -8.40 14.86
CA TYR A 145 8.67 -9.71 14.28
C TYR A 145 8.14 -10.80 15.17
N VAL A 146 7.64 -11.90 14.53
CA VAL A 146 7.18 -13.08 15.28
C VAL A 146 7.63 -14.35 14.53
N ASN A 147 8.02 -15.38 15.31
CA ASN A 147 8.30 -16.69 14.73
C ASN A 147 6.95 -17.38 14.41
N LEU A 148 6.74 -17.73 13.12
CA LEU A 148 5.42 -18.25 12.69
C LEU A 148 5.03 -19.57 13.36
N ARG A 149 6.03 -20.40 13.72
CA ARG A 149 5.79 -21.69 14.39
C ARG A 149 5.68 -21.50 15.93
N THR A 150 6.67 -20.79 16.53
CA THR A 150 6.80 -20.85 17.99
C THR A 150 6.14 -19.70 18.75
N GLY A 151 5.80 -18.59 18.06
CA GLY A 151 5.27 -17.41 18.71
C GLY A 151 6.32 -16.48 19.40
N ALA A 152 7.60 -16.83 19.30
CA ALA A 152 8.64 -15.94 19.93
C ALA A 152 8.67 -14.60 19.21
N VAL A 153 8.81 -13.50 19.96
CA VAL A 153 8.81 -12.14 19.41
C VAL A 153 10.21 -11.50 19.46
N SER A 154 10.39 -10.50 18.55
CA SER A 154 11.63 -9.69 18.58
CA SER A 154 11.62 -9.71 18.52
C SER A 154 11.32 -8.30 18.04
N ASP A 155 12.07 -7.32 18.63
CA ASP A 155 12.10 -5.90 18.27
C ASP A 155 10.77 -5.13 18.59
N PRO A 156 10.67 -4.57 19.83
CA PRO A 156 9.50 -3.78 20.24
C PRO A 156 9.63 -2.30 19.91
N GLU A 157 10.71 -1.85 19.25
CA GLU A 157 10.84 -0.39 18.98
CA GLU A 157 10.98 -0.45 18.88
C GLU A 157 10.23 -0.16 17.57
N THR A 158 8.93 0.12 17.64
CA THR A 158 8.04 0.11 16.46
C THR A 158 7.52 1.53 16.14
N ASN A 159 6.41 1.60 15.38
CA ASN A 159 5.98 2.86 14.80
C ASN A 159 4.49 2.77 14.49
N LEU A 160 3.87 3.94 14.22
CA LEU A 160 2.41 3.98 14.01
C LEU A 160 1.98 3.07 12.84
N ALA A 161 2.69 3.07 11.71
CA ALA A 161 2.28 2.19 10.60
C ALA A 161 2.31 0.71 11.04
N GLU A 162 3.37 0.30 11.75
CA GLU A 162 3.56 -1.11 12.11
C GLU A 162 2.74 -1.54 13.35
N ILE A 163 2.08 -0.61 14.06
CA ILE A 163 1.06 -0.99 15.07
CA ILE A 163 1.07 -0.98 15.09
C ILE A 163 -0.38 -0.78 14.63
N GLY A 164 -0.60 -0.08 13.49
CA GLY A 164 -1.91 0.47 13.13
C GLY A 164 -2.36 0.26 11.68
N THR A 165 -1.83 -0.82 11.04
CA THR A 165 -2.22 -1.16 9.66
C THR A 165 -2.71 -2.65 9.60
N TYR A 166 -3.74 -2.89 10.48
CA TYR A 166 -4.32 -4.24 10.64
C TYR A 166 -5.85 -4.24 10.58
N LEU A 167 -6.51 -3.10 10.93
CA LEU A 167 -7.96 -3.13 11.21
C LEU A 167 -8.78 -3.51 9.96
N SER A 168 -8.33 -3.17 8.74
CA SER A 168 -9.13 -3.54 7.55
C SER A 168 -9.16 -5.07 7.37
N GLU A 169 -7.97 -5.71 7.36
CA GLU A 169 -7.88 -7.16 7.12
C GLU A 169 -8.51 -7.92 8.34
N PHE A 170 -8.13 -7.49 9.56
CA PHE A 170 -8.63 -8.17 10.78
C PHE A 170 -10.16 -7.96 10.92
N GLY A 171 -10.66 -6.74 10.59
CA GLY A 171 -12.10 -6.50 10.67
C GLY A 171 -12.90 -7.30 9.63
N VAL A 172 -12.37 -7.46 8.41
CA VAL A 172 -13.02 -8.36 7.43
C VAL A 172 -12.99 -9.81 7.94
N LEU A 173 -11.85 -10.27 8.51
CA LEU A 173 -11.84 -11.64 9.21
CA LEU A 173 -11.85 -11.58 9.05
C LEU A 173 -12.96 -11.73 10.19
N SER A 174 -13.13 -10.72 11.06
CA SER A 174 -14.21 -10.80 12.06
C SER A 174 -15.60 -10.90 11.41
N GLN A 175 -15.85 -10.10 10.34
CA GLN A 175 -17.15 -10.14 9.65
CA GLN A 175 -17.15 -10.15 9.68
C GLN A 175 -17.43 -11.56 9.07
N LEU A 176 -16.42 -12.11 8.38
CA LEU A 176 -16.62 -13.38 7.68
C LEU A 176 -16.75 -14.57 8.64
N THR A 177 -15.95 -14.57 9.72
CA THR A 177 -15.89 -15.70 10.64
C THR A 177 -16.92 -15.63 11.78
N GLY A 178 -17.38 -14.41 12.10
CA GLY A 178 -18.18 -14.17 13.31
C GLY A 178 -17.41 -13.93 14.58
N GLU A 179 -16.06 -14.03 14.54
CA GLU A 179 -15.21 -13.89 15.74
CA GLU A 179 -15.20 -13.89 15.75
C GLU A 179 -14.69 -12.44 15.86
N ARG A 180 -15.26 -11.68 16.80
CA ARG A 180 -14.90 -10.25 17.04
CA ARG A 180 -14.88 -10.20 16.90
CA ARG A 180 -14.91 -10.26 16.98
C ARG A 180 -13.46 -10.00 17.49
N LYS A 181 -12.77 -11.06 17.97
CA LYS A 181 -11.46 -10.86 18.59
C LYS A 181 -10.47 -10.13 17.63
N TYR A 182 -10.52 -10.42 16.32
CA TYR A 182 -9.53 -9.81 15.36
C TYR A 182 -9.74 -8.29 15.29
N PHE A 183 -11.00 -7.85 15.00
CA PHE A 183 -11.35 -6.42 15.01
C PHE A 183 -10.87 -5.76 16.32
N ASP A 184 -11.23 -6.39 17.46
CA ASP A 184 -10.94 -5.76 18.76
C ASP A 184 -9.41 -5.57 18.98
N MET A 185 -8.62 -6.61 18.63
CA MET A 185 -7.15 -6.51 18.85
CA MET A 185 -7.16 -6.56 18.79
C MET A 185 -6.55 -5.38 17.99
N ALA A 186 -6.99 -5.27 16.72
CA ALA A 186 -6.45 -4.18 15.86
C ALA A 186 -6.88 -2.80 16.39
N LYS A 187 -8.16 -2.63 16.76
CA LYS A 187 -8.64 -1.30 17.19
C LYS A 187 -7.97 -0.85 18.51
N ARG A 188 -7.75 -1.82 19.43
CA ARG A 188 -7.12 -1.49 20.73
C ARG A 188 -5.75 -0.82 20.55
N ALA A 189 -4.92 -1.35 19.62
CA ALA A 189 -3.60 -0.76 19.37
C ALA A 189 -3.66 0.69 18.87
N MET A 190 -4.65 0.96 17.97
CA MET A 190 -4.82 2.32 17.44
C MET A 190 -5.29 3.30 18.57
N ARG A 191 -6.27 2.86 19.38
CA ARG A 191 -6.76 3.70 20.48
C ARG A 191 -5.61 4.11 21.40
N HIS A 192 -4.66 3.20 21.66
CA HIS A 192 -3.56 3.48 22.58
C HIS A 192 -2.81 4.77 22.18
N THR A 193 -2.41 4.86 20.89
CA THR A 193 -1.62 6.03 20.46
C THR A 193 -2.51 7.28 20.34
N LEU A 194 -3.77 7.12 19.90
CA LEU A 194 -4.68 8.27 19.78
C LEU A 194 -4.94 8.91 21.18
N ASP A 195 -5.02 8.09 22.24
CA ASP A 195 -5.19 8.60 23.60
C ASP A 195 -3.99 9.42 24.10
N ARG A 196 -2.85 9.30 23.41
CA ARG A 196 -1.56 9.99 23.74
C ARG A 196 -1.28 11.17 22.77
N ARG A 197 -2.30 11.60 22.01
CA ARG A 197 -2.14 12.82 21.21
C ARG A 197 -1.75 14.00 22.13
N SER A 198 -0.95 14.91 21.55
CA SER A 198 -0.62 16.18 22.23
C SER A 198 -1.83 17.12 22.21
N LYS A 199 -1.65 18.29 22.88
CA LYS A 199 -2.71 19.35 22.88
C LYS A 199 -2.98 19.86 21.48
N ILE A 200 -2.01 19.82 20.55
CA ILE A 200 -2.23 20.26 19.14
C ILE A 200 -2.76 19.09 18.23
N GLY A 201 -3.02 17.91 18.82
CA GLY A 201 -3.73 16.87 18.07
C GLY A 201 -2.84 15.88 17.29
N LEU A 202 -1.53 15.87 17.57
CA LEU A 202 -0.58 15.04 16.82
C LEU A 202 -0.01 13.92 17.71
N MET A 203 0.40 12.81 17.04
CA MET A 203 1.16 11.70 17.66
C MET A 203 2.59 11.69 17.11
N ALA A 204 3.58 11.36 17.95
CA ALA A 204 4.89 11.01 17.40
C ALA A 204 4.80 9.67 16.64
N ALA A 205 5.69 9.50 15.63
CA ALA A 205 5.59 8.33 14.73
C ALA A 205 6.16 7.06 15.38
N ASN A 206 7.08 7.20 16.37
CA ASN A 206 7.86 6.08 16.93
C ASN A 206 7.33 5.75 18.33
N ILE A 207 7.02 4.45 18.56
CA ILE A 207 6.35 4.00 19.81
C ILE A 207 6.97 2.66 20.24
N HIS A 208 7.09 2.46 21.60
CA HIS A 208 7.65 1.24 22.15
C HIS A 208 6.53 0.28 22.58
N ALA A 209 6.57 -0.98 22.12
CA ALA A 209 5.49 -1.93 22.40
C ALA A 209 5.38 -2.32 23.87
N MET A 210 6.49 -2.27 24.64
CA MET A 210 6.45 -2.70 26.05
C MET A 210 6.22 -1.53 27.01
N THR A 211 6.91 -0.37 26.81
CA THR A 211 6.65 0.76 27.71
C THR A 211 5.34 1.46 27.36
N GLY A 212 4.89 1.36 26.09
CA GLY A 212 3.71 2.10 25.60
C GLY A 212 3.95 3.58 25.39
N ALA A 213 5.18 4.07 25.50
CA ALA A 213 5.53 5.48 25.37
C ALA A 213 6.14 5.77 23.97
N PHE A 214 5.97 7.04 23.52
CA PHE A 214 6.66 7.49 22.31
C PHE A 214 8.20 7.46 22.53
N THR A 215 8.95 7.14 21.46
CA THR A 215 10.41 7.05 21.50
C THR A 215 11.09 8.11 20.61
N SER A 216 10.29 9.01 20.00
CA SER A 216 10.81 10.23 19.33
C SER A 216 9.78 11.34 19.61
N ARG A 217 10.11 12.55 19.11
CA ARG A 217 9.19 13.69 19.14
C ARG A 217 8.64 14.05 17.75
N ASN A 218 8.91 13.22 16.71
CA ASN A 218 8.56 13.62 15.34
C ASN A 218 7.16 13.12 14.92
N ALA A 219 6.23 14.04 14.68
CA ALA A 219 4.96 13.75 13.98
C ALA A 219 5.21 13.74 12.47
N SER A 220 4.60 12.76 11.77
CA SER A 220 4.79 12.60 10.34
C SER A 220 3.48 12.16 9.67
N ILE A 221 3.32 12.50 8.37
CA ILE A 221 2.30 11.86 7.51
C ILE A 221 2.91 10.77 6.62
N ASP A 222 4.25 10.61 6.69
CA ASP A 222 5.04 9.89 5.71
C ASP A 222 5.44 8.48 6.24
N VAL A 223 6.55 7.93 5.78
CA VAL A 223 6.88 6.57 6.16
CA VAL A 223 7.08 6.59 6.19
C VAL A 223 7.05 6.49 7.73
N TYR A 224 6.62 5.29 8.22
CA TYR A 224 6.52 4.97 9.67
C TYR A 224 5.23 5.47 10.30
N ALA A 225 4.36 6.15 9.51
CA ALA A 225 3.08 6.65 10.06
C ALA A 225 1.91 6.48 9.08
N ASP A 226 2.05 7.02 7.88
CA ASP A 226 1.12 6.95 6.71
C ASP A 226 -0.16 6.07 6.88
N SER A 227 -0.04 4.75 6.74
CA SER A 227 -1.23 3.90 6.62
C SER A 227 -2.06 3.82 7.92
N PHE A 228 -1.52 4.21 9.08
CA PHE A 228 -2.37 4.36 10.29
C PHE A 228 -3.56 5.28 9.96
N TYR A 229 -3.25 6.46 9.32
CA TYR A 229 -4.29 7.45 9.07
C TYR A 229 -5.31 6.95 8.02
N GLU A 230 -4.81 6.23 7.00
CA GLU A 230 -5.75 5.57 6.04
C GLU A 230 -6.71 4.65 6.77
N TYR A 231 -6.18 3.78 7.68
CA TYR A 231 -7.03 2.72 8.24
C TYR A 231 -8.08 3.27 9.22
N LEU A 232 -7.88 4.48 9.77
CA LEU A 232 -8.98 5.14 10.51
C LEU A 232 -10.19 5.38 9.58
N TRP A 233 -9.94 6.05 8.41
CA TRP A 233 -11.06 6.30 7.52
C TRP A 233 -11.65 4.97 6.95
N ASP A 234 -10.75 4.03 6.58
CA ASP A 234 -11.21 2.79 5.95
C ASP A 234 -12.09 1.98 6.91
N ALA A 235 -11.85 2.06 8.24
CA ALA A 235 -12.68 1.33 9.21
C ALA A 235 -14.11 1.94 9.31
N TRP A 236 -14.20 3.27 9.18
CA TRP A 236 -15.54 3.91 9.03
C TRP A 236 -16.22 3.37 7.76
N ALA A 237 -15.49 3.40 6.62
CA ALA A 237 -16.10 2.99 5.34
C ALA A 237 -16.54 1.51 5.32
N LEU A 238 -15.69 0.62 5.86
CA LEU A 238 -15.96 -0.83 5.81
C LEU A 238 -16.91 -1.31 6.93
N PHE A 239 -16.77 -0.75 8.14
CA PHE A 239 -17.43 -1.31 9.33
C PHE A 239 -18.44 -0.34 9.96
N GLY A 240 -18.50 0.93 9.52
CA GLY A 240 -19.36 1.91 10.17
C GLY A 240 -18.91 2.32 11.56
N ASP A 241 -17.61 2.17 11.87
CA ASP A 241 -17.11 2.47 13.22
C ASP A 241 -17.04 3.99 13.46
N GLU A 242 -17.87 4.46 14.41
CA GLU A 242 -17.98 5.92 14.68
C GLU A 242 -16.74 6.50 15.35
N ASP A 243 -16.04 5.72 16.20
CA ASP A 243 -14.76 6.21 16.78
C ASP A 243 -13.77 6.51 15.64
N CYS A 244 -13.62 5.55 14.71
CA CYS A 244 -12.64 5.71 13.62
C CYS A 244 -13.00 6.88 12.69
N LYS A 245 -14.31 7.10 12.42
CA LYS A 245 -14.72 8.25 11.58
C LYS A 245 -14.24 9.58 12.25
N ARG A 246 -14.52 9.71 13.59
CA ARG A 246 -14.11 10.91 14.34
C ARG A 246 -12.58 11.09 14.31
N TRP A 247 -11.87 9.99 14.65
CA TRP A 247 -10.41 10.03 14.73
C TRP A 247 -9.77 10.39 13.39
N ALA A 248 -10.32 9.84 12.26
CA ALA A 248 -9.74 10.15 10.94
C ALA A 248 -9.76 11.66 10.67
N VAL A 249 -10.96 12.28 10.88
CA VAL A 249 -11.12 13.72 10.60
C VAL A 249 -10.27 14.56 11.57
N GLU A 250 -10.28 14.22 12.88
CA GLU A 250 -9.46 14.97 13.86
C GLU A 250 -7.98 14.93 13.48
N CYS A 251 -7.46 13.73 13.12
CA CYS A 251 -6.03 13.62 12.83
C CYS A 251 -5.66 14.47 11.59
N VAL A 252 -6.48 14.38 10.52
CA VAL A 252 -6.21 15.14 9.28
C VAL A 252 -6.30 16.65 9.53
N ASP A 253 -7.34 17.09 10.30
CA ASP A 253 -7.52 18.54 10.85
CA ASP A 253 -7.34 18.52 10.44
C ASP A 253 -6.17 19.03 11.35
N ALA A 254 -5.62 18.23 12.30
CA ALA A 254 -4.41 18.61 13.03
C ALA A 254 -3.18 18.71 12.10
N GLN A 255 -3.07 17.74 11.15
CA GLN A 255 -1.98 17.76 10.17
C GLN A 255 -2.06 18.99 9.25
N LEU A 256 -3.27 19.32 8.79
CA LEU A 256 -3.44 20.53 7.93
C LEU A 256 -3.11 21.80 8.73
N ALA A 257 -3.44 21.85 10.04
CA ALA A 257 -3.15 23.05 10.86
C ALA A 257 -1.67 23.21 11.15
N HIS A 258 -0.92 22.10 11.37
CA HIS A 258 0.43 22.19 11.95
C HIS A 258 1.54 21.66 11.06
N GLN A 259 1.22 20.79 10.08
CA GLN A 259 2.25 20.24 9.15
C GLN A 259 2.20 20.80 7.73
N ALA A 260 1.06 21.31 7.27
CA ALA A 260 0.99 21.84 5.90
C ALA A 260 1.83 23.11 5.80
N LYS A 261 2.78 23.13 4.87
CA LYS A 261 3.71 24.27 4.66
C LYS A 261 3.88 24.45 3.15
N ARG A 262 4.04 25.67 2.69
CA ARG A 262 4.36 25.91 1.27
C ARG A 262 5.81 26.30 1.10
N TYR A 263 6.46 25.70 0.08
CA TYR A 263 7.84 26.00 -0.31
C TYR A 263 7.81 26.27 -1.83
N ASP A 264 8.25 27.46 -2.25
CA ASP A 264 8.24 27.81 -3.68
C ASP A 264 6.84 27.61 -4.30
N GLY A 265 5.79 27.98 -3.54
CA GLY A 265 4.46 27.93 -4.06
C GLY A 265 3.74 26.56 -4.01
N ARG A 266 4.47 25.50 -3.61
CA ARG A 266 3.91 24.11 -3.60
CA ARG A 266 3.91 24.14 -3.62
C ARG A 266 3.69 23.65 -2.17
N LEU A 267 2.60 22.88 -2.00
CA LEU A 267 2.22 22.31 -0.70
C LEU A 267 3.09 21.06 -0.37
N TRP A 268 3.64 21.02 0.85
CA TRP A 268 4.34 19.84 1.39
C TRP A 268 3.93 19.66 2.87
N PHE A 269 4.25 18.48 3.42
CA PHE A 269 3.95 18.13 4.83
C PHE A 269 5.25 17.60 5.51
N PRO A 270 6.19 18.49 5.84
CA PRO A 270 7.40 18.03 6.53
C PRO A 270 7.04 17.51 7.95
N MET A 271 7.99 16.78 8.55
CA MET A 271 7.90 16.37 9.96
CA MET A 271 7.79 16.36 9.93
C MET A 271 7.95 17.60 10.89
N VAL A 272 7.21 17.53 12.01
CA VAL A 272 7.25 18.59 13.04
C VAL A 272 7.32 17.96 14.42
N ASP A 273 7.75 18.79 15.42
CA ASP A 273 7.65 18.35 16.79
C ASP A 273 6.20 18.16 17.19
N PHE A 274 5.84 16.99 17.74
CA PHE A 274 4.42 16.64 17.91
C PHE A 274 3.70 17.52 18.95
N GLU A 275 4.44 18.20 19.85
CA GLU A 275 3.86 19.13 20.82
C GLU A 275 3.98 20.61 20.41
N THR A 276 5.13 21.02 19.85
CA THR A 276 5.34 22.47 19.62
C THR A 276 5.00 22.90 18.19
N GLY A 277 4.98 21.96 17.20
CA GLY A 277 4.79 22.29 15.82
C GLY A 277 6.08 22.84 15.10
N ALA A 278 7.23 22.92 15.78
CA ALA A 278 8.45 23.38 15.07
C ALA A 278 8.83 22.35 13.98
N VAL A 279 9.22 22.80 12.80
CA VAL A 279 9.68 21.86 11.74
C VAL A 279 10.95 21.12 12.20
N THR A 280 10.96 19.78 12.05
CA THR A 280 12.07 18.94 12.45
C THR A 280 12.74 18.21 11.31
N GLY A 281 12.31 18.31 10.06
N GLY A 281 12.10 18.22 10.11
CA GLY A 281 13.04 17.68 8.97
CA GLY A 281 12.62 17.67 8.87
C GLY A 281 12.39 18.11 7.69
C GLY A 281 12.48 18.54 7.63
N THR A 282 13.27 18.17 6.63
CA THR A 282 13.08 18.77 5.32
C THR A 282 12.80 17.74 4.19
N ALA A 283 12.77 16.43 4.50
CA ALA A 283 12.61 15.40 3.47
C ALA A 283 11.09 15.10 3.31
N GLN A 284 10.71 14.74 2.08
CA GLN A 284 9.42 14.09 1.80
C GLN A 284 9.69 12.91 0.85
N SER A 285 9.14 11.72 1.16
CA SER A 285 9.29 10.56 0.26
C SER A 285 8.18 10.56 -0.80
N GLU A 286 8.44 9.82 -1.91
CA GLU A 286 7.42 9.57 -2.92
C GLU A 286 6.16 8.89 -2.29
N LEU A 287 6.39 8.10 -1.22
CA LEU A 287 5.29 7.29 -0.66
C LEU A 287 4.21 8.18 -0.03
N ALA A 288 4.53 9.43 0.31
CA ALA A 288 3.55 10.36 0.87
C ALA A 288 2.44 10.74 -0.09
N ALA A 289 2.57 10.42 -1.40
CA ALA A 289 1.53 10.77 -2.38
C ALA A 289 0.19 10.11 -2.04
N TYR A 290 0.17 8.97 -1.27
CA TYR A 290 -1.13 8.37 -0.88
C TYR A 290 -2.04 9.44 -0.21
N TYR A 291 -1.43 10.41 0.50
CA TYR A 291 -2.18 11.35 1.34
C TYR A 291 -3.08 12.26 0.49
N ALA A 292 -2.70 12.53 -0.77
CA ALA A 292 -3.59 13.34 -1.65
C ALA A 292 -4.96 12.66 -1.77
N GLY A 293 -4.95 11.32 -1.95
CA GLY A 293 -6.20 10.56 -2.03
C GLY A 293 -6.97 10.50 -0.69
N LEU A 294 -6.24 10.29 0.42
CA LEU A 294 -6.90 10.28 1.75
C LEU A 294 -7.60 11.64 2.03
N LEU A 295 -6.92 12.75 1.70
CA LEU A 295 -7.53 14.08 1.87
C LEU A 295 -8.87 14.14 1.16
N GLY A 296 -8.94 13.68 -0.11
CA GLY A 296 -10.25 13.66 -0.77
C GLY A 296 -11.28 12.77 -0.08
N GLN A 297 -10.87 11.58 0.35
CA GLN A 297 -11.82 10.63 0.99
C GLN A 297 -12.48 11.24 2.24
N VAL A 298 -11.71 11.99 3.06
CA VAL A 298 -12.26 12.50 4.33
C VAL A 298 -13.02 13.81 4.16
N GLY A 299 -13.22 14.30 2.91
CA GLY A 299 -13.96 15.54 2.68
C GLY A 299 -13.11 16.78 2.57
N ARG A 300 -11.83 16.61 2.16
CA ARG A 300 -10.85 17.72 1.97
CA ARG A 300 -10.84 17.71 1.97
C ARG A 300 -10.28 17.60 0.51
N LYS A 301 -11.18 17.52 -0.49
CA LYS A 301 -10.74 17.33 -1.90
CA LYS A 301 -10.76 17.32 -1.89
C LYS A 301 -9.91 18.49 -2.45
N ALA A 302 -10.28 19.76 -2.16
CA ALA A 302 -9.46 20.87 -2.73
C ALA A 302 -8.01 20.76 -2.23
N GLN A 303 -7.85 20.48 -0.94
CA GLN A 303 -6.49 20.33 -0.36
C GLN A 303 -5.76 19.09 -0.92
N GLY A 304 -6.53 17.98 -1.13
CA GLY A 304 -5.96 16.79 -1.80
C GLY A 304 -5.46 17.07 -3.19
N ASP A 305 -6.26 17.83 -4.00
CA ASP A 305 -5.80 18.20 -5.37
C ASP A 305 -4.55 19.10 -5.30
N ASP A 306 -4.49 20.01 -4.32
CA ASP A 306 -3.30 20.87 -4.19
C ASP A 306 -2.04 20.00 -3.90
N TYR A 307 -2.21 18.99 -3.01
CA TYR A 307 -1.04 18.11 -2.72
C TYR A 307 -0.66 17.23 -3.92
N LEU A 308 -1.70 16.68 -4.63
CA LEU A 308 -1.39 15.92 -5.84
C LEU A 308 -0.56 16.75 -6.82
N ALA A 309 -0.88 18.04 -6.96
CA ALA A 309 -0.16 18.92 -7.89
C ALA A 309 1.34 19.00 -7.57
N SER A 310 1.74 18.89 -6.30
CA SER A 310 3.18 18.85 -5.96
C SER A 310 3.89 17.63 -6.62
N PHE A 311 3.21 16.46 -6.56
CA PHE A 311 3.76 15.25 -7.20
C PHE A 311 3.64 15.30 -8.74
N THR A 312 2.57 15.93 -9.29
CA THR A 312 2.46 16.09 -10.75
C THR A 312 3.65 16.92 -11.27
N TYR A 313 4.03 17.98 -10.50
CA TYR A 313 5.18 18.75 -10.90
CA TYR A 313 5.28 18.82 -10.76
C TYR A 313 6.49 17.92 -10.84
N LEU A 314 6.67 17.04 -9.80
CA LEU A 314 7.85 16.17 -9.79
C LEU A 314 7.86 15.21 -11.01
N GLN A 315 6.69 14.65 -11.38
CA GLN A 315 6.60 13.75 -12.59
C GLN A 315 6.97 14.52 -13.87
N ALA A 316 6.43 15.76 -14.02
CA ALA A 316 6.74 16.52 -15.26
C ALA A 316 8.25 16.89 -15.32
N THR A 317 8.85 17.19 -14.16
CA THR A 317 10.25 17.66 -14.11
C THR A 317 11.26 16.50 -14.28
N PHE A 318 11.01 15.38 -13.53
CA PHE A 318 12.00 14.28 -13.41
C PHE A 318 11.59 13.03 -14.20
N GLY A 319 10.36 12.95 -14.74
CA GLY A 319 9.89 11.77 -15.47
C GLY A 319 9.32 10.71 -14.52
N VAL A 320 10.22 10.13 -13.71
CA VAL A 320 9.87 9.27 -12.56
C VAL A 320 9.98 10.16 -11.29
N ILE A 321 8.97 10.04 -10.40
CA ILE A 321 9.00 10.83 -9.15
C ILE A 321 10.19 10.36 -8.30
N PRO A 322 11.09 11.27 -7.85
CA PRO A 322 12.21 10.84 -6.99
C PRO A 322 11.74 10.11 -5.74
N GLU A 323 12.54 9.11 -5.31
CA GLU A 323 12.17 8.33 -4.13
C GLU A 323 12.05 9.22 -2.88
N SER A 324 12.91 10.26 -2.77
CA SER A 324 12.93 11.25 -1.67
CA SER A 324 12.68 11.32 -1.83
C SER A 324 13.35 12.61 -2.28
N ILE A 325 12.74 13.71 -1.82
CA ILE A 325 13.17 15.07 -2.13
CA ILE A 325 13.14 15.05 -2.18
C ILE A 325 13.41 15.87 -0.89
N ASP A 326 14.22 16.95 -1.05
CA ASP A 326 14.31 18.03 -0.05
C ASP A 326 13.26 19.07 -0.42
N VAL A 327 12.27 19.30 0.47
CA VAL A 327 11.18 20.20 0.17
C VAL A 327 11.60 21.66 0.02
N THR A 328 12.77 22.02 0.64
CA THR A 328 13.21 23.42 0.57
C THR A 328 13.80 23.78 -0.82
N THR A 329 14.24 22.77 -1.58
CA THR A 329 14.77 22.99 -2.95
C THR A 329 14.02 22.30 -4.04
N GLY A 330 13.28 21.28 -3.73
CA GLY A 330 12.63 20.48 -4.81
C GLY A 330 13.65 19.46 -5.45
N GLN A 331 14.82 19.25 -4.92
CA GLN A 331 15.70 18.36 -5.60
CA GLN A 331 15.80 18.35 -5.58
C GLN A 331 15.85 16.93 -4.96
N PRO A 332 16.19 15.92 -5.79
CA PRO A 332 16.25 14.53 -5.28
C PRO A 332 17.31 14.39 -4.17
N ARG A 333 16.96 13.59 -3.16
CA ARG A 333 17.90 13.12 -2.11
C ARG A 333 18.53 11.76 -2.45
N ARG A 334 17.90 11.00 -3.33
CA ARG A 334 18.40 9.67 -3.80
C ARG A 334 18.10 9.57 -5.29
N LYS A 335 18.88 8.75 -6.00
CA LYS A 335 18.74 8.55 -7.42
C LYS A 335 18.02 7.25 -7.83
N HIS A 336 17.99 6.28 -6.89
CA HIS A 336 17.36 4.99 -7.16
CA HIS A 336 17.33 4.98 -7.12
C HIS A 336 15.85 5.08 -6.85
N THR A 337 15.09 4.04 -7.27
CA THR A 337 13.65 3.98 -6.99
C THR A 337 13.27 2.55 -6.53
N GLY A 338 12.04 2.49 -5.99
CA GLY A 338 11.39 1.21 -5.67
C GLY A 338 10.23 0.84 -6.59
N LEU A 339 10.17 1.33 -7.85
CA LEU A 339 9.03 1.01 -8.77
C LEU A 339 7.69 1.26 -7.99
N ARG A 340 7.53 2.53 -7.54
CA ARG A 340 6.54 2.82 -6.50
C ARG A 340 5.15 3.15 -7.07
N PRO A 341 4.07 2.77 -6.33
CA PRO A 341 2.69 2.87 -6.84
C PRO A 341 1.84 4.08 -6.32
N GLU A 342 2.40 4.95 -5.45
CA GLU A 342 1.48 5.87 -4.70
C GLU A 342 0.86 6.97 -5.58
N TYR A 343 1.47 7.36 -6.70
CA TYR A 343 0.85 8.40 -7.55
C TYR A 343 -0.46 7.89 -8.20
N PRO A 344 -0.48 6.70 -8.89
CA PRO A 344 -1.77 6.21 -9.42
C PRO A 344 -2.74 5.80 -8.30
N ASP A 345 -2.24 5.44 -7.09
CA ASP A 345 -3.11 5.22 -5.89
C ASP A 345 -3.96 6.50 -5.66
N ALA A 346 -3.27 7.65 -5.51
CA ALA A 346 -3.99 8.92 -5.31
C ALA A 346 -4.93 9.25 -6.48
N CYS A 347 -4.46 9.05 -7.73
CA CYS A 347 -5.31 9.35 -8.91
C CYS A 347 -6.63 8.52 -8.86
N LEU A 348 -6.53 7.22 -8.57
CA LEU A 348 -7.77 6.39 -8.50
C LEU A 348 -8.70 6.87 -7.37
N ASN A 349 -8.12 7.11 -6.16
CA ASN A 349 -8.96 7.51 -5.03
C ASN A 349 -9.70 8.84 -5.29
N LEU A 350 -8.99 9.82 -5.89
CA LEU A 350 -9.67 11.11 -6.21
C LEU A 350 -10.69 10.94 -7.36
N TRP A 351 -10.35 10.12 -8.36
CA TRP A 351 -11.28 9.87 -9.50
C TRP A 351 -12.57 9.20 -9.03
N LEU A 352 -12.52 8.34 -8.00
CA LEU A 352 -13.78 7.69 -7.53
C LEU A 352 -14.78 8.73 -6.98
N ILE A 353 -14.34 9.94 -6.61
CA ILE A 353 -15.29 10.94 -6.06
C ILE A 353 -16.29 11.48 -7.17
N ASP A 354 -15.76 11.94 -8.31
CA ASP A 354 -16.60 12.59 -9.39
C ASP A 354 -16.24 12.16 -10.80
N ARG A 355 -15.33 11.18 -10.97
CA ARG A 355 -14.96 10.68 -12.30
C ARG A 355 -14.35 11.76 -13.24
N ASP A 356 -13.59 12.69 -12.66
CA ASP A 356 -12.99 13.72 -13.48
C ASP A 356 -11.92 13.13 -14.44
N PRO A 357 -12.06 13.32 -15.75
CA PRO A 357 -11.09 12.77 -16.67
C PRO A 357 -9.65 13.22 -16.48
N ARG A 358 -9.39 14.35 -15.81
CA ARG A 358 -8.02 14.76 -15.54
C ARG A 358 -7.21 13.67 -14.85
N TYR A 359 -7.82 12.89 -13.90
CA TYR A 359 -7.05 11.88 -13.19
C TYR A 359 -6.64 10.72 -14.10
N ARG A 360 -7.49 10.39 -15.10
CA ARG A 360 -7.11 9.42 -16.13
C ARG A 360 -5.90 9.88 -16.97
N ARG A 361 -5.95 11.18 -17.39
CA ARG A 361 -4.80 11.72 -18.15
CA ARG A 361 -4.84 11.75 -18.14
C ARG A 361 -3.47 11.63 -17.38
N LEU A 362 -3.50 11.97 -16.08
CA LEU A 362 -2.29 11.96 -15.25
C LEU A 362 -1.79 10.51 -15.03
N ALA A 363 -2.72 9.56 -14.78
CA ALA A 363 -2.32 8.15 -14.61
C ALA A 363 -1.78 7.55 -15.91
N ALA A 364 -2.30 7.98 -17.08
CA ALA A 364 -1.78 7.48 -18.37
C ALA A 364 -0.32 7.92 -18.59
N ILE A 365 0.03 9.17 -18.19
CA ILE A 365 1.43 9.61 -18.23
C ILE A 365 2.29 8.64 -17.39
N HIS A 366 1.81 8.34 -16.17
CA HIS A 366 2.58 7.49 -15.23
C HIS A 366 2.76 6.07 -15.79
N TYR A 367 1.69 5.46 -16.34
CA TYR A 367 1.80 4.13 -16.96
C TYR A 367 2.78 4.12 -18.13
N ARG A 368 2.66 5.13 -19.04
CA ARG A 368 3.56 5.19 -20.19
C ARG A 368 5.01 5.39 -19.75
N GLU A 369 5.26 6.16 -18.67
CA GLU A 369 6.62 6.35 -18.16
C GLU A 369 7.18 5.05 -17.58
N MET A 370 6.32 4.26 -16.90
CA MET A 370 6.75 2.94 -16.40
C MET A 370 7.20 2.06 -17.59
N LYS A 371 6.41 2.02 -18.67
CA LYS A 371 6.80 1.23 -19.87
CA LYS A 371 6.79 1.26 -19.86
C LYS A 371 8.12 1.73 -20.49
N ALA A 372 8.37 3.06 -20.44
CA ALA A 372 9.57 3.67 -21.07
C ALA A 372 10.84 3.49 -20.25
N THR A 373 10.73 3.13 -18.95
CA THR A 373 11.87 3.13 -18.05
C THR A 373 12.15 1.75 -17.38
N SER A 374 11.09 1.03 -17.00
CA SER A 374 11.23 -0.18 -16.12
C SER A 374 11.05 -1.51 -16.85
N ARG A 375 10.77 -1.53 -18.16
CA ARG A 375 10.56 -2.84 -18.85
C ARG A 375 11.91 -3.56 -19.00
N ALA A 376 11.92 -4.83 -18.65
CA ALA A 376 13.13 -5.69 -18.71
C ALA A 376 12.77 -6.99 -19.46
N ALA A 377 13.75 -7.93 -19.55
CA ALA A 377 13.55 -9.14 -20.35
C ALA A 377 12.36 -10.00 -19.88
N PHE A 378 12.20 -10.10 -18.55
CA PHE A 378 11.23 -11.06 -17.96
C PHE A 378 10.21 -10.38 -17.03
N GLY A 379 9.99 -9.08 -17.19
CA GLY A 379 9.04 -8.33 -16.34
C GLY A 379 9.46 -6.88 -16.19
N TYR A 380 9.03 -6.27 -15.05
CA TYR A 380 9.23 -4.85 -14.75
C TYR A 380 10.10 -4.70 -13.51
N THR A 381 11.06 -3.73 -13.53
CA THR A 381 12.06 -3.61 -12.51
C THR A 381 12.19 -2.18 -11.90
N ALA A 382 12.59 -2.15 -10.64
CA ALA A 382 13.05 -0.93 -9.93
C ALA A 382 14.29 -0.33 -10.62
N LEU A 383 14.51 0.98 -10.38
CA LEU A 383 15.59 1.75 -11.07
C LEU A 383 16.77 2.02 -10.16
N LYS A 384 17.95 2.07 -10.82
CA LYS A 384 19.24 2.39 -10.18
C LYS A 384 19.50 3.93 -10.16
N ASP A 385 19.17 4.61 -11.28
CA ASP A 385 19.53 6.05 -11.39
C ASP A 385 18.57 6.72 -12.36
N ILE A 386 17.70 7.62 -11.80
CA ILE A 386 16.74 8.37 -12.61
C ILE A 386 17.38 9.59 -13.32
N THR A 387 18.68 9.85 -13.04
CA THR A 387 19.33 11.07 -13.60
C THR A 387 20.13 10.74 -14.91
N THR A 388 20.46 9.48 -15.20
CA THR A 388 21.13 9.12 -16.46
C THR A 388 20.09 9.06 -17.60
N ARG A 389 20.59 9.13 -18.84
CA ARG A 389 19.74 8.97 -20.01
C ARG A 389 20.42 7.93 -20.95
N PRO A 390 19.76 6.72 -21.11
CA PRO A 390 18.55 6.22 -20.42
CA PRO A 390 18.57 6.29 -20.47
C PRO A 390 18.74 6.10 -18.96
N MET A 391 17.63 6.06 -18.18
CA MET A 391 17.71 5.74 -16.78
C MET A 391 18.25 4.33 -16.57
N THR A 392 19.19 4.14 -15.64
CA THR A 392 19.78 2.79 -15.43
CA THR A 392 19.76 2.83 -15.41
C THR A 392 18.83 1.98 -14.47
N GLN A 393 18.83 0.67 -14.69
CA GLN A 393 17.94 -0.27 -13.99
C GLN A 393 18.67 -1.05 -12.91
N ASP A 394 17.95 -1.29 -11.78
CA ASP A 394 18.33 -2.32 -10.81
C ASP A 394 17.83 -3.71 -11.33
C ASP A 394 17.53 -3.61 -11.24
N ASP A 395 17.58 -4.67 -10.43
CA ASP A 395 17.09 -6.01 -10.87
C ASP A 395 16.15 -6.60 -9.79
N ASN A 396 14.91 -6.08 -9.73
CA ASN A 396 13.93 -6.56 -8.76
C ASN A 396 12.52 -6.05 -9.17
N CYS A 397 11.55 -6.94 -9.15
CA CYS A 397 10.12 -6.55 -9.25
C CYS A 397 9.55 -6.69 -7.80
N PRO A 398 9.25 -5.58 -7.12
CA PRO A 398 8.76 -5.70 -5.76
CA PRO A 398 8.73 -5.72 -5.71
C PRO A 398 7.37 -6.38 -5.74
N GLY A 399 7.06 -7.16 -4.66
CA GLY A 399 5.78 -7.86 -4.60
C GLY A 399 4.56 -6.94 -4.77
N TYR A 400 4.65 -5.69 -4.24
CA TYR A 400 3.50 -4.78 -4.29
C TYR A 400 3.15 -4.37 -5.74
N TRP A 401 4.08 -4.46 -6.72
CA TRP A 401 3.73 -4.13 -8.11
C TRP A 401 2.55 -4.98 -8.64
N TRP A 402 2.54 -6.27 -8.15
CA TRP A 402 1.54 -7.25 -8.63
C TRP A 402 0.13 -6.95 -8.10
N SER A 403 0.04 -6.30 -6.91
CA SER A 403 -1.27 -5.92 -6.33
C SER A 403 -1.69 -4.49 -6.66
N GLU A 404 -0.72 -3.54 -6.74
CA GLU A 404 -1.03 -2.10 -6.76
C GLU A 404 -1.11 -1.47 -8.16
N GLN A 405 0.01 -1.00 -8.78
CA GLN A 405 -0.21 -0.01 -9.87
C GLN A 405 -0.89 -0.61 -11.10
N MET A 406 -0.62 -1.88 -11.47
CA MET A 406 -1.32 -2.44 -12.64
C MET A 406 -2.86 -2.52 -12.39
N LYS A 407 -3.24 -2.88 -11.14
CA LYS A 407 -4.65 -2.81 -10.74
C LYS A 407 -5.19 -1.36 -10.82
N TYR A 408 -4.44 -0.37 -10.29
CA TYR A 408 -4.93 1.02 -10.33
C TYR A 408 -5.17 1.47 -11.77
N TYR A 409 -4.17 1.25 -12.66
CA TYR A 409 -4.33 1.65 -14.08
C TYR A 409 -5.58 0.96 -14.67
N TYR A 410 -5.68 -0.39 -14.46
CA TYR A 410 -6.80 -1.14 -15.06
C TYR A 410 -8.17 -0.65 -14.52
N LEU A 411 -8.26 -0.38 -13.22
CA LEU A 411 -9.53 0.14 -12.66
C LEU A 411 -9.86 1.52 -13.25
N LEU A 412 -8.84 2.40 -13.42
CA LEU A 412 -9.05 3.74 -14.00
C LEU A 412 -9.50 3.70 -15.47
N PHE A 413 -9.03 2.69 -16.26
CA PHE A 413 -9.23 2.73 -17.72
C PHE A 413 -10.36 1.79 -18.22
N SER A 414 -10.62 0.67 -17.49
CA SER A 414 -11.42 -0.44 -18.05
C SER A 414 -12.94 -0.32 -17.89
N ASP A 415 -13.41 0.42 -16.87
CA ASP A 415 -14.84 0.37 -16.51
C ASP A 415 -15.36 -1.11 -16.45
N THR A 416 -14.58 -2.00 -15.82
CA THR A 416 -14.93 -3.43 -15.88
C THR A 416 -16.24 -3.72 -15.18
N PRO A 417 -17.09 -4.65 -15.76
CA PRO A 417 -18.29 -5.10 -15.08
C PRO A 417 -18.01 -6.03 -13.89
N ARG A 418 -16.76 -6.48 -13.69
CA ARG A 418 -16.40 -7.31 -12.54
C ARG A 418 -16.34 -6.57 -11.22
N ILE A 419 -16.40 -5.23 -11.24
CA ILE A 419 -16.31 -4.40 -10.02
C ILE A 419 -17.55 -3.48 -9.94
N ASP A 420 -18.14 -3.42 -8.73
CA ASP A 420 -19.15 -2.38 -8.39
C ASP A 420 -18.37 -1.18 -7.86
N TYR A 421 -18.16 -0.18 -8.75
CA TYR A 421 -17.29 0.96 -8.42
C TYR A 421 -17.82 1.79 -7.23
N GLY A 422 -19.16 1.80 -7.04
CA GLY A 422 -19.72 2.53 -5.88
C GLY A 422 -19.45 1.86 -4.53
N GLN A 423 -19.23 0.53 -4.53
CA GLN A 423 -18.96 -0.24 -3.31
C GLN A 423 -17.46 -0.56 -3.12
N LEU A 424 -16.62 -0.26 -4.12
CA LEU A 424 -15.19 -0.65 -4.10
C LEU A 424 -14.47 -0.08 -2.87
N GLN A 425 -13.73 -0.96 -2.17
CA GLN A 425 -12.85 -0.62 -1.06
C GLN A 425 -11.51 -1.33 -1.26
N LEU A 426 -10.41 -0.59 -1.11
CA LEU A 426 -9.04 -1.14 -1.30
CA LEU A 426 -9.01 -1.06 -1.32
C LEU A 426 -8.23 -0.96 -0.02
N SER A 427 -7.43 -1.99 0.33
CA SER A 427 -6.50 -1.91 1.45
C SER A 427 -5.29 -1.01 1.06
N THR A 428 -4.32 -0.83 2.01
CA THR A 428 -3.15 -0.01 1.66
C THR A 428 -2.19 -0.70 0.66
N GLU A 429 -2.42 -2.04 0.45
CA GLU A 429 -1.71 -2.88 -0.53
C GLU A 429 -2.59 -3.10 -1.80
N ALA A 430 -3.70 -2.32 -1.90
CA ALA A 430 -4.67 -2.40 -3.00
C ALA A 430 -5.43 -3.74 -3.05
N ASN A 431 -5.45 -4.52 -1.93
CA ASN A 431 -6.32 -5.70 -1.94
C ASN A 431 -7.79 -5.25 -1.87
N VAL A 432 -8.61 -5.80 -2.77
CA VAL A 432 -10.05 -5.44 -2.81
C VAL A 432 -10.75 -6.20 -1.66
N LEU A 433 -11.37 -5.40 -0.76
CA LEU A 433 -12.04 -5.92 0.43
C LEU A 433 -13.57 -5.75 0.34
N ARG A 434 -14.06 -5.08 -0.71
CA ARG A 434 -15.51 -4.94 -1.00
C ARG A 434 -15.61 -4.51 -2.47
N GLY A 435 -16.70 -4.95 -3.13
CA GLY A 435 -17.01 -4.49 -4.48
C GLY A 435 -16.87 -5.50 -5.62
N PHE A 436 -16.57 -6.79 -5.35
CA PHE A 436 -16.58 -7.77 -6.45
C PHE A 436 -18.01 -8.02 -6.91
N ARG A 437 -18.21 -8.12 -8.24
CA ARG A 437 -19.52 -8.52 -8.83
C ARG A 437 -19.33 -9.86 -9.48
N LYS A 438 -20.10 -10.77 -9.03
CA LYS A 438 -20.23 -12.08 -9.62
C LYS A 438 -20.46 -12.18 -11.07
N VAL A 439 -19.72 -13.08 -11.71
CA VAL A 439 -19.79 -13.33 -13.18
#